data_4FL3
#
_entry.id   4FL3
#
_cell.length_a   62.735
_cell.length_b   71.034
_cell.length_c   76.333
_cell.angle_alpha   90.00
_cell.angle_beta   103.93
_cell.angle_gamma   90.00
#
_symmetry.space_group_name_H-M   'P 1 21 1'
#
loop_
_entity.id
_entity.type
_entity.pdbx_description
1 polymer 'Tyrosine-protein kinase SYK'
2 non-polymer 'PHOSPHOAMINOPHOSPHONIC ACID-ADENYLATE ESTER'
3 non-polymer 'MAGNESIUM ION'
4 water water
#
_entity_poly.entity_id   1
_entity_poly.type   'polypeptide(L)'
_entity_poly.pdbx_seq_one_letter_code
;MASSGMADSANHLPFFFGNITREEAEDYLVQGGMSDGLYLLRQSRNYLGGFALSVAHGRKAHHYTIERELNGTYAIAGGR
THASPADLCHYHSQESDGLVCLLKKPFNRPQGVQPKTGPFEDLKENLIREYVKQTWNLQGQALEQAIISQKPQLEKLIAT
TAHEKMPWFHGKISREESEQIVLIGSKTNGKFLIRARDNNGSYALCLLHEGKVLHYRIDKDKTGKLSIPEGKKFDTLWQL
VEHYSYKADGLLRVLTVPCQKIGTQGNVNFGGRPQLPGSHPATWSAGGIISRIKSYSFPKPGHRKSSPAQGNRQESTVSF
NPYEPELAPWAADKGPQREALPMDTEVFESPFADPEEIRPKEVYLDRKLLTLEDKELGSGNFGTVKKGYYQMKKVVKTVA
VKILKNEANDPALKDELLAEANVMQQLDNPYIVRMIGICEAESWMLVMEMAELGPLNKYLQQNRHVKDKNIIELVHQVSM
GMKYLEESNFVHRDLAARNVLLVTQHYAKISDFGLSKALRADENYYKAQTHGKWPVKWYAPECINYYKFSSKSDVWSFGV
LMWEAFSYGQKPYRGMKGSEVTAMLEKGERMGCPAGCPREMYDLMNLCWTYDVENRPGFAAVELRLRNYYYDVVN
;
_entity_poly.pdbx_strand_id   A
#
loop_
_chem_comp.id
_chem_comp.type
_chem_comp.name
_chem_comp.formula
ANP non-polymer 'PHOSPHOAMINOPHOSPHONIC ACID-ADENYLATE ESTER' 'C10 H17 N6 O12 P3'
MG non-polymer 'MAGNESIUM ION' 'Mg 2'
#
# COMPACT_ATOMS: atom_id res chain seq x y z
N SER A 9 -18.03 -10.08 -13.69
CA SER A 9 -17.31 -11.30 -14.06
C SER A 9 -16.76 -11.23 -15.50
N ALA A 10 -15.61 -11.89 -15.73
CA ALA A 10 -14.91 -11.97 -17.01
C ALA A 10 -14.41 -13.39 -17.29
N ASN A 11 -14.87 -14.37 -16.47
CA ASN A 11 -14.49 -15.80 -16.55
C ASN A 11 -14.72 -16.43 -17.91
N HIS A 12 -15.72 -15.91 -18.66
CA HIS A 12 -16.05 -16.41 -19.99
C HIS A 12 -15.03 -15.97 -21.05
N LEU A 13 -14.19 -14.94 -20.76
CA LEU A 13 -13.17 -14.49 -21.72
C LEU A 13 -11.99 -15.46 -21.72
N PRO A 14 -11.61 -16.04 -22.89
CA PRO A 14 -10.52 -17.04 -22.89
C PRO A 14 -9.12 -16.47 -22.58
N PHE A 15 -8.95 -15.15 -22.70
CA PHE A 15 -7.71 -14.43 -22.41
C PHE A 15 -7.72 -13.77 -21.00
N PHE A 16 -8.74 -14.10 -20.19
CA PHE A 16 -8.83 -13.62 -18.79
C PHE A 16 -8.20 -14.63 -17.83
N PHE A 17 -7.27 -14.16 -17.00
CA PHE A 17 -6.49 -15.05 -16.13
C PHE A 17 -6.81 -14.99 -14.64
N GLY A 18 -7.66 -14.06 -14.26
CA GLY A 18 -8.00 -13.86 -12.86
C GLY A 18 -6.89 -13.18 -12.07
N ASN A 19 -6.78 -13.53 -10.79
CA ASN A 19 -5.83 -12.91 -9.86
C ASN A 19 -4.40 -13.51 -9.90
N ILE A 20 -3.67 -13.29 -11.00
CA ILE A 20 -2.28 -13.74 -11.14
C ILE A 20 -1.38 -12.55 -10.75
N THR A 21 -0.05 -12.75 -10.65
CA THR A 21 0.83 -11.62 -10.33
C THR A 21 1.22 -10.91 -11.65
N ARG A 22 1.76 -9.72 -11.54
CA ARG A 22 2.26 -8.96 -12.69
C ARG A 22 3.39 -9.76 -13.39
N GLU A 23 4.30 -10.39 -12.61
CA GLU A 23 5.37 -11.21 -13.19
C GLU A 23 4.87 -12.44 -13.93
N GLU A 24 3.85 -13.12 -13.39
CA GLU A 24 3.22 -14.29 -14.06
C GLU A 24 2.58 -13.84 -15.39
N ALA A 25 1.91 -12.66 -15.41
CA ALA A 25 1.32 -12.07 -16.64
C ALA A 25 2.42 -11.83 -17.68
N GLU A 26 3.57 -11.25 -17.24
CA GLU A 26 4.71 -11.02 -18.15
C GLU A 26 5.29 -12.36 -18.66
N ASP A 27 5.41 -13.34 -17.76
CA ASP A 27 5.88 -14.69 -18.17
C ASP A 27 4.97 -15.28 -19.29
N TYR A 28 3.64 -15.11 -19.18
CA TYR A 28 2.66 -15.57 -20.19
C TYR A 28 2.82 -14.82 -21.52
N LEU A 29 3.06 -13.49 -21.46
CA LEU A 29 3.29 -12.72 -22.70
C LEU A 29 4.58 -13.19 -23.40
N VAL A 30 5.63 -13.53 -22.61
CA VAL A 30 6.89 -14.06 -23.15
C VAL A 30 6.56 -15.42 -23.78
N GLN A 31 5.76 -16.25 -23.06
CA GLN A 31 5.30 -17.55 -23.57
C GLN A 31 4.59 -17.40 -24.93
N GLY A 32 3.78 -16.35 -25.07
CA GLY A 32 3.05 -16.01 -26.28
C GLY A 32 3.86 -15.38 -27.40
N GLY A 33 5.16 -15.16 -27.17
CA GLY A 33 6.09 -14.63 -28.17
C GLY A 33 6.46 -13.16 -28.11
N MET A 34 5.88 -12.40 -27.16
CA MET A 34 6.16 -10.95 -27.01
C MET A 34 5.93 -10.09 -28.27
N SER A 35 5.00 -10.48 -29.15
CA SER A 35 4.69 -9.69 -30.36
C SER A 35 3.93 -8.41 -30.00
N ASP A 36 4.20 -7.29 -30.73
CA ASP A 36 3.55 -6.00 -30.48
C ASP A 36 2.02 -6.15 -30.52
N GLY A 37 1.36 -5.62 -29.50
CA GLY A 37 -0.10 -5.73 -29.40
C GLY A 37 -0.66 -7.03 -28.87
N LEU A 38 0.21 -7.98 -28.43
CA LEU A 38 -0.21 -9.25 -27.77
C LEU A 38 -0.68 -8.85 -26.36
N TYR A 39 -1.83 -9.37 -25.90
CA TYR A 39 -2.39 -8.97 -24.62
C TYR A 39 -3.15 -10.01 -23.85
N LEU A 40 -3.33 -9.73 -22.56
CA LEU A 40 -4.14 -10.55 -21.70
C LEU A 40 -4.83 -9.67 -20.67
N LEU A 41 -5.89 -10.20 -20.10
CA LEU A 41 -6.67 -9.54 -19.05
C LEU A 41 -6.52 -10.31 -17.77
N ARG A 42 -6.48 -9.59 -16.65
CA ARG A 42 -6.38 -10.22 -15.33
C ARG A 42 -7.15 -9.37 -14.34
N GLN A 43 -7.21 -9.80 -13.09
CA GLN A 43 -7.93 -9.08 -12.07
C GLN A 43 -7.02 -8.05 -11.39
N SER A 44 -7.57 -6.87 -11.02
CA SER A 44 -6.77 -5.86 -10.30
C SER A 44 -6.50 -6.46 -8.93
N ARG A 45 -5.29 -6.27 -8.44
CA ARG A 45 -4.82 -6.85 -7.19
C ARG A 45 -5.14 -5.99 -5.94
N ASN A 46 -6.35 -5.36 -5.92
CA ASN A 46 -6.74 -4.38 -4.89
C ASN A 46 -8.06 -4.64 -4.14
N TYR A 47 -8.75 -5.76 -4.42
CA TYR A 47 -10.05 -6.14 -3.83
C TYR A 47 -11.15 -5.14 -4.21
N LEU A 48 -10.94 -4.35 -5.28
CA LEU A 48 -11.90 -3.33 -5.69
C LEU A 48 -12.78 -3.71 -6.89
N GLY A 49 -12.75 -4.99 -7.24
CA GLY A 49 -13.54 -5.56 -8.33
C GLY A 49 -13.16 -5.05 -9.70
N GLY A 50 -11.92 -4.60 -9.83
CA GLY A 50 -11.42 -4.09 -11.10
C GLY A 50 -10.63 -5.12 -11.86
N PHE A 51 -10.01 -4.68 -12.94
CA PHE A 51 -9.21 -5.51 -13.85
C PHE A 51 -7.88 -4.84 -14.16
N ALA A 52 -6.99 -5.55 -14.86
CA ALA A 52 -5.71 -5.04 -15.33
C ALA A 52 -5.49 -5.64 -16.68
N LEU A 53 -5.01 -4.82 -17.60
CA LEU A 53 -4.70 -5.19 -18.97
C LEU A 53 -3.19 -5.14 -19.15
N SER A 54 -2.61 -6.26 -19.59
CA SER A 54 -1.16 -6.45 -19.80
C SER A 54 -0.91 -6.64 -21.30
N VAL A 55 -0.11 -5.71 -21.88
CA VAL A 55 0.19 -5.64 -23.32
C VAL A 55 1.68 -5.64 -23.62
N ALA A 56 2.08 -6.39 -24.65
CA ALA A 56 3.44 -6.45 -25.16
C ALA A 56 3.59 -5.32 -26.21
N HIS A 57 4.69 -4.56 -26.15
CA HIS A 57 5.05 -3.52 -27.12
C HIS A 57 6.49 -3.15 -26.97
N GLY A 58 7.25 -3.27 -28.06
CA GLY A 58 8.67 -2.95 -28.10
C GLY A 58 9.49 -3.77 -27.11
N ARG A 59 9.19 -5.09 -27.02
CA ARG A 59 9.86 -6.04 -26.11
C ARG A 59 9.72 -5.69 -24.62
N LYS A 60 8.67 -4.93 -24.27
CA LYS A 60 8.34 -4.62 -22.88
C LYS A 60 6.84 -4.80 -22.61
N ALA A 61 6.51 -5.14 -21.36
CA ALA A 61 5.12 -5.36 -20.99
C ALA A 61 4.58 -4.09 -20.38
N HIS A 62 3.38 -3.73 -20.77
CA HIS A 62 2.73 -2.50 -20.30
C HIS A 62 1.49 -2.90 -19.58
N HIS A 63 1.34 -2.43 -18.32
CA HIS A 63 0.22 -2.79 -17.47
C HIS A 63 -0.68 -1.59 -17.14
N TYR A 64 -2.00 -1.77 -17.24
CA TYR A 64 -2.98 -0.68 -16.99
C TYR A 64 -4.11 -1.13 -16.10
N THR A 65 -4.39 -0.37 -15.03
CA THR A 65 -5.48 -0.70 -14.11
C THR A 65 -6.84 -0.23 -14.65
N ILE A 66 -7.79 -1.16 -14.76
CA ILE A 66 -9.17 -0.91 -15.19
C ILE A 66 -9.99 -0.83 -13.92
N GLU A 67 -10.52 0.38 -13.62
CA GLU A 67 -11.31 0.63 -12.41
C GLU A 67 -12.81 0.52 -12.63
N ARG A 68 -13.53 -0.09 -11.65
CA ARG A 68 -14.98 -0.23 -11.69
C ARG A 68 -15.58 1.11 -11.25
N GLU A 69 -16.48 1.68 -12.07
CA GLU A 69 -17.15 2.95 -11.76
C GLU A 69 -18.31 2.65 -10.83
N LEU A 70 -18.83 3.67 -10.11
CA LEU A 70 -19.98 3.54 -9.21
C LEU A 70 -21.21 2.91 -9.88
N ASN A 71 -21.47 3.22 -11.17
CA ASN A 71 -22.60 2.67 -11.94
C ASN A 71 -22.35 1.26 -12.53
N GLY A 72 -21.23 0.65 -12.15
CA GLY A 72 -20.86 -0.70 -12.60
C GLY A 72 -20.16 -0.77 -13.94
N THR A 73 -19.82 0.40 -14.55
CA THR A 73 -19.07 0.50 -15.82
C THR A 73 -17.56 0.50 -15.51
N TYR A 74 -16.70 0.44 -16.54
CA TYR A 74 -15.24 0.37 -16.35
C TYR A 74 -14.46 1.42 -17.14
N ALA A 75 -13.34 1.91 -16.55
CA ALA A 75 -12.47 2.90 -17.19
C ALA A 75 -11.03 2.85 -16.70
N ILE A 76 -10.09 3.36 -17.53
CA ILE A 76 -8.68 3.51 -17.20
C ILE A 76 -8.37 5.01 -16.97
N ALA A 77 -7.74 5.36 -15.80
CA ALA A 77 -7.28 6.71 -15.40
C ALA A 77 -8.29 7.85 -15.57
N GLY A 78 -9.53 7.60 -15.17
CA GLY A 78 -10.63 8.55 -15.26
C GLY A 78 -11.10 8.80 -16.68
N GLY A 79 -10.63 7.97 -17.62
CA GLY A 79 -10.96 8.02 -19.03
C GLY A 79 -12.41 7.64 -19.34
N ARG A 80 -12.68 7.30 -20.62
CA ARG A 80 -14.03 6.94 -21.04
C ARG A 80 -14.54 5.66 -20.41
N THR A 81 -15.85 5.61 -20.17
CA THR A 81 -16.50 4.46 -19.55
C THR A 81 -16.82 3.38 -20.59
N HIS A 82 -16.71 2.11 -20.17
CA HIS A 82 -17.02 0.95 -20.99
C HIS A 82 -17.99 0.04 -20.21
N ALA A 83 -18.93 -0.59 -20.92
CA ALA A 83 -19.94 -1.46 -20.30
C ALA A 83 -19.35 -2.66 -19.57
N SER A 84 -18.27 -3.24 -20.10
CA SER A 84 -17.67 -4.43 -19.55
C SER A 84 -16.18 -4.48 -19.91
N PRO A 85 -15.33 -5.34 -19.26
CA PRO A 85 -13.91 -5.41 -19.68
C PRO A 85 -13.77 -5.91 -21.12
N ALA A 86 -14.68 -6.81 -21.60
CA ALA A 86 -14.64 -7.28 -23.01
C ALA A 86 -14.79 -6.11 -23.99
N ASP A 87 -15.76 -5.22 -23.71
CA ASP A 87 -16.02 -4.00 -24.49
C ASP A 87 -14.85 -3.03 -24.45
N LEU A 88 -14.19 -2.91 -23.29
CA LEU A 88 -13.02 -2.03 -23.16
C LEU A 88 -11.91 -2.58 -24.07
N CYS A 89 -11.72 -3.91 -24.07
CA CYS A 89 -10.72 -4.58 -24.91
C CYS A 89 -11.03 -4.41 -26.39
N HIS A 90 -12.32 -4.52 -26.76
CA HIS A 90 -12.75 -4.32 -28.16
C HIS A 90 -12.46 -2.90 -28.65
N TYR A 91 -12.83 -1.88 -27.84
CA TYR A 91 -12.58 -0.46 -28.14
C TYR A 91 -11.09 -0.23 -28.37
N HIS A 92 -10.25 -0.76 -27.46
CA HIS A 92 -8.80 -0.62 -27.52
C HIS A 92 -8.10 -1.42 -28.65
N SER A 93 -8.85 -2.28 -29.36
CA SER A 93 -8.36 -3.00 -30.53
C SER A 93 -8.44 -2.08 -31.80
N GLN A 94 -9.23 -0.98 -31.74
CA GLN A 94 -9.40 -0.03 -32.85
C GLN A 94 -8.76 1.34 -32.55
N GLU A 95 -8.83 1.78 -31.29
CA GLU A 95 -8.27 3.07 -30.88
C GLU A 95 -7.47 2.89 -29.59
N SER A 96 -6.24 3.42 -29.54
CA SER A 96 -5.34 3.36 -28.40
C SER A 96 -5.88 4.09 -27.17
N ASP A 97 -6.49 5.29 -27.36
CA ASP A 97 -7.07 6.10 -26.29
C ASP A 97 -6.15 6.26 -25.04
N GLY A 98 -4.87 6.50 -25.29
CA GLY A 98 -3.87 6.67 -24.24
C GLY A 98 -2.93 5.50 -24.02
N LEU A 99 -3.32 4.29 -24.46
CA LEU A 99 -2.47 3.10 -24.29
C LEU A 99 -1.26 3.15 -25.23
N VAL A 100 -0.16 2.45 -24.88
CA VAL A 100 1.08 2.36 -25.65
C VAL A 100 0.88 1.97 -27.13
N CYS A 101 -0.13 1.12 -27.41
CA CYS A 101 -0.43 0.62 -28.76
C CYS A 101 -1.85 0.06 -28.80
N LEU A 102 -2.29 -0.41 -29.99
CA LEU A 102 -3.61 -1.04 -30.13
C LEU A 102 -3.51 -2.48 -29.66
N LEU A 103 -4.62 -3.03 -29.16
CA LEU A 103 -4.70 -4.43 -28.74
C LEU A 103 -4.90 -5.26 -30.00
N LYS A 104 -3.88 -6.04 -30.38
CA LYS A 104 -3.89 -6.82 -31.63
C LYS A 104 -4.32 -8.27 -31.43
N LYS A 105 -3.52 -9.08 -30.72
CA LYS A 105 -3.81 -10.50 -30.55
C LYS A 105 -3.93 -10.91 -29.08
N PRO A 106 -5.04 -11.54 -28.64
CA PRO A 106 -5.09 -11.97 -27.24
C PRO A 106 -4.23 -13.21 -26.99
N PHE A 107 -3.70 -13.32 -25.76
CA PHE A 107 -2.99 -14.52 -25.34
C PHE A 107 -3.97 -15.24 -24.46
N ASN A 108 -4.52 -16.33 -24.98
CA ASN A 108 -5.49 -17.14 -24.26
C ASN A 108 -4.83 -17.96 -23.19
N ARG A 109 -5.58 -18.32 -22.15
CA ARG A 109 -5.12 -19.20 -21.09
C ARG A 109 -4.64 -20.51 -21.72
N PRO A 110 -3.41 -20.99 -21.41
CA PRO A 110 -2.97 -22.27 -21.98
C PRO A 110 -3.92 -23.40 -21.63
N GLN A 111 -3.82 -24.51 -22.38
CA GLN A 111 -4.65 -25.69 -22.12
C GLN A 111 -4.42 -26.14 -20.66
N GLY A 112 -5.51 -26.35 -19.93
CA GLY A 112 -5.47 -26.78 -18.54
C GLY A 112 -5.41 -25.68 -17.49
N VAL A 113 -5.35 -24.40 -17.94
CA VAL A 113 -5.31 -23.24 -17.04
C VAL A 113 -6.70 -22.58 -16.98
N GLN A 114 -7.29 -22.50 -15.78
CA GLN A 114 -8.59 -21.86 -15.55
C GLN A 114 -8.32 -20.47 -14.96
N PRO A 115 -9.29 -19.52 -14.97
CA PRO A 115 -9.04 -18.22 -14.30
C PRO A 115 -8.74 -18.42 -12.81
N LYS A 116 -7.75 -17.68 -12.29
CA LYS A 116 -7.41 -17.76 -10.88
C LYS A 116 -8.41 -16.91 -10.05
N THR A 117 -9.69 -17.38 -9.94
CA THR A 117 -10.77 -16.62 -9.25
C THR A 117 -11.70 -17.43 -8.31
N GLY A 118 -11.31 -18.61 -7.88
CA GLY A 118 -12.19 -19.40 -7.01
C GLY A 118 -12.35 -18.94 -5.57
N PRO A 119 -13.06 -19.75 -4.76
CA PRO A 119 -13.25 -19.42 -3.33
C PRO A 119 -11.96 -19.22 -2.51
N PHE A 120 -10.87 -19.98 -2.82
CA PHE A 120 -9.57 -19.80 -2.18
C PHE A 120 -9.13 -18.34 -2.30
N GLU A 121 -9.18 -17.79 -3.53
CA GLU A 121 -8.81 -16.39 -3.79
C GLU A 121 -9.69 -15.42 -2.99
N ASP A 122 -11.01 -15.70 -2.94
CA ASP A 122 -12.00 -14.88 -2.24
C ASP A 122 -11.75 -14.76 -0.76
N LEU A 123 -11.21 -15.81 -0.12
CA LEU A 123 -10.95 -15.82 1.32
C LEU A 123 -9.87 -14.85 1.78
N LYS A 124 -8.88 -14.58 0.91
CA LYS A 124 -7.70 -13.76 1.20
C LYS A 124 -7.95 -12.43 1.88
N GLU A 125 -8.90 -11.60 1.37
CA GLU A 125 -9.15 -10.28 1.97
C GLU A 125 -9.57 -10.43 3.46
N ASN A 126 -10.53 -11.33 3.75
CA ASN A 126 -10.96 -11.52 5.13
C ASN A 126 -9.89 -12.10 6.05
N LEU A 127 -9.05 -13.01 5.52
CA LEU A 127 -7.96 -13.62 6.29
C LEU A 127 -6.95 -12.60 6.74
N ILE A 128 -6.57 -11.67 5.84
CA ILE A 128 -5.64 -10.58 6.15
C ILE A 128 -6.26 -9.67 7.22
N ARG A 129 -7.56 -9.32 7.08
CA ARG A 129 -8.29 -8.47 8.02
C ARG A 129 -8.32 -9.13 9.40
N GLU A 130 -8.67 -10.44 9.45
CA GLU A 130 -8.66 -11.20 10.70
C GLU A 130 -7.25 -11.29 11.29
N TYR A 131 -6.20 -11.49 10.44
CA TYR A 131 -4.81 -11.55 10.91
C TYR A 131 -4.36 -10.24 11.62
N VAL A 132 -4.75 -9.06 11.09
CA VAL A 132 -4.37 -7.77 11.70
C VAL A 132 -5.07 -7.57 13.04
N LYS A 133 -6.40 -7.82 13.08
CA LYS A 133 -7.26 -7.75 14.28
C LYS A 133 -6.70 -8.63 15.40
N GLN A 134 -6.28 -9.85 15.08
CA GLN A 134 -5.76 -10.79 16.06
C GLN A 134 -4.34 -10.51 16.54
N THR A 135 -3.43 -10.22 15.59
CA THR A 135 -2.01 -9.98 15.86
C THR A 135 -1.78 -8.65 16.57
N TRP A 136 -2.45 -7.57 16.13
CA TRP A 136 -2.24 -6.25 16.70
C TRP A 136 -3.41 -5.62 17.46
N ASN A 137 -4.57 -6.32 17.52
CA ASN A 137 -5.77 -5.81 18.22
C ASN A 137 -6.22 -4.47 17.67
N LEU A 138 -6.04 -4.27 16.35
CA LEU A 138 -6.40 -3.03 15.69
C LEU A 138 -7.87 -3.00 15.33
N GLN A 139 -8.47 -1.82 15.38
CA GLN A 139 -9.88 -1.58 15.04
C GLN A 139 -10.05 -0.21 14.37
N GLY A 140 -11.21 -0.01 13.75
CA GLY A 140 -11.57 1.22 13.06
C GLY A 140 -10.56 1.66 12.02
N GLN A 141 -10.18 2.96 12.07
CA GLN A 141 -9.23 3.55 11.12
C GLN A 141 -7.81 3.03 11.26
N ALA A 142 -7.30 2.74 12.47
CA ALA A 142 -5.97 2.14 12.66
C ALA A 142 -5.89 0.83 11.87
N LEU A 143 -6.92 -0.05 11.99
CA LEU A 143 -7.02 -1.32 11.28
C LEU A 143 -7.00 -1.11 9.76
N GLU A 144 -7.90 -0.24 9.22
CA GLU A 144 -8.00 0.05 7.78
C GLU A 144 -6.69 0.60 7.21
N GLN A 145 -6.02 1.49 7.97
CA GLN A 145 -4.74 2.10 7.58
C GLN A 145 -3.58 1.11 7.59
N ALA A 146 -3.62 0.12 8.49
CA ALA A 146 -2.62 -0.95 8.54
C ALA A 146 -2.73 -1.80 7.22
N ILE A 147 -3.97 -2.23 6.90
CA ILE A 147 -4.28 -3.06 5.74
C ILE A 147 -3.88 -2.37 4.43
N ILE A 148 -4.29 -1.11 4.24
CA ILE A 148 -4.02 -0.38 3.00
C ILE A 148 -2.52 -0.27 2.68
N SER A 149 -1.70 0.03 3.69
CA SER A 149 -0.25 0.12 3.41
C SER A 149 0.38 -1.27 3.30
N GLN A 150 -0.04 -2.20 4.15
CA GLN A 150 0.63 -3.49 4.27
C GLN A 150 0.01 -4.68 3.57
N LYS A 151 -1.05 -4.48 2.75
CA LYS A 151 -1.74 -5.56 2.02
C LYS A 151 -0.72 -6.56 1.38
N PRO A 152 0.30 -6.15 0.57
CA PRO A 152 1.21 -7.15 -0.04
C PRO A 152 1.99 -7.99 1.00
N GLN A 153 2.52 -7.33 2.06
CA GLN A 153 3.28 -8.00 3.14
C GLN A 153 2.36 -8.96 3.94
N LEU A 154 1.11 -8.53 4.21
CA LEU A 154 0.10 -9.33 4.93
C LEU A 154 -0.35 -10.57 4.14
N GLU A 155 -0.41 -10.46 2.80
CA GLU A 155 -0.79 -11.58 1.94
C GLU A 155 0.30 -12.67 1.97
N LYS A 156 1.57 -12.23 2.04
CA LYS A 156 2.71 -13.13 2.16
C LYS A 156 2.68 -13.83 3.52
N LEU A 157 2.38 -13.07 4.58
CA LEU A 157 2.30 -13.54 5.97
C LEU A 157 1.21 -14.58 6.20
N ILE A 158 -0.05 -14.34 5.73
CA ILE A 158 -1.16 -15.30 5.91
C ILE A 158 -0.87 -16.67 5.24
N ALA A 159 -0.05 -16.67 4.16
CA ALA A 159 0.33 -17.88 3.42
C ALA A 159 1.22 -18.84 4.25
N THR A 160 1.86 -18.31 5.32
CA THR A 160 2.75 -19.09 6.21
C THR A 160 2.05 -19.52 7.51
N THR A 161 0.76 -19.17 7.68
CA THR A 161 0.05 -19.58 8.89
C THR A 161 -0.25 -21.10 8.88
N ALA A 162 -0.37 -21.71 10.08
CA ALA A 162 -0.59 -23.15 10.26
C ALA A 162 -1.84 -23.64 9.50
N HIS A 163 -1.66 -24.68 8.66
CA HIS A 163 -2.74 -25.26 7.86
C HIS A 163 -3.95 -25.68 8.68
N GLU A 164 -3.72 -26.10 9.94
CA GLU A 164 -4.74 -26.54 10.88
C GLU A 164 -5.85 -25.52 11.19
N LYS A 165 -5.59 -24.20 11.00
CA LYS A 165 -6.62 -23.17 11.23
C LYS A 165 -7.42 -22.79 9.95
N MET A 166 -7.03 -23.33 8.77
CA MET A 166 -7.69 -23.05 7.49
C MET A 166 -9.06 -23.75 7.35
N PRO A 167 -10.11 -23.09 6.77
CA PRO A 167 -11.45 -23.75 6.66
C PRO A 167 -11.49 -25.05 5.86
N TRP A 168 -10.53 -25.27 4.97
CA TRP A 168 -10.47 -26.48 4.16
C TRP A 168 -9.72 -27.62 4.86
N PHE A 169 -9.06 -27.34 6.02
CA PHE A 169 -8.34 -28.40 6.73
C PHE A 169 -9.17 -29.00 7.85
N HIS A 170 -9.51 -30.30 7.75
CA HIS A 170 -10.41 -30.94 8.72
C HIS A 170 -9.75 -31.82 9.78
N GLY A 171 -8.43 -31.82 9.79
CA GLY A 171 -7.65 -32.54 10.79
C GLY A 171 -7.70 -34.04 10.67
N LYS A 172 -7.81 -34.71 11.82
CA LYS A 172 -7.78 -36.18 11.91
C LYS A 172 -9.11 -36.92 11.70
N ILE A 173 -9.92 -36.47 10.73
CA ILE A 173 -11.16 -37.18 10.41
C ILE A 173 -10.80 -38.42 9.57
N SER A 174 -11.65 -39.46 9.63
CA SER A 174 -11.42 -40.69 8.89
C SER A 174 -11.85 -40.53 7.42
N ARG A 175 -11.48 -41.51 6.57
CA ARG A 175 -11.89 -41.54 5.16
C ARG A 175 -13.44 -41.57 5.09
N GLU A 176 -14.10 -42.41 5.93
CA GLU A 176 -15.57 -42.52 5.93
C GLU A 176 -16.25 -41.18 6.34
N GLU A 177 -15.70 -40.50 7.35
CA GLU A 177 -16.20 -39.19 7.84
C GLU A 177 -16.05 -38.14 6.74
N SER A 178 -14.86 -38.07 6.09
CA SER A 178 -14.61 -37.10 5.02
C SER A 178 -15.59 -37.31 3.86
N GLU A 179 -15.83 -38.57 3.48
CA GLU A 179 -16.79 -38.94 2.43
C GLU A 179 -18.19 -38.35 2.80
N GLN A 180 -18.66 -38.57 4.06
CA GLN A 180 -19.97 -38.07 4.46
C GLN A 180 -20.03 -36.56 4.56
N ILE A 181 -18.98 -35.93 5.10
CA ILE A 181 -19.01 -34.46 5.17
C ILE A 181 -18.96 -33.75 3.81
N VAL A 182 -18.23 -34.33 2.81
CA VAL A 182 -18.15 -33.79 1.45
C VAL A 182 -19.50 -33.96 0.74
N LEU A 183 -20.27 -35.02 1.08
CA LEU A 183 -21.57 -35.28 0.43
C LEU A 183 -22.79 -34.51 1.01
N ILE A 184 -22.73 -34.02 2.27
CA ILE A 184 -23.87 -33.29 2.88
C ILE A 184 -24.12 -31.96 2.16
N GLY A 185 -25.38 -31.69 1.85
CA GLY A 185 -25.83 -30.45 1.22
C GLY A 185 -25.68 -30.37 -0.28
N SER A 186 -25.72 -29.14 -0.79
CA SER A 186 -25.61 -28.83 -2.23
C SER A 186 -24.32 -29.43 -2.77
N LYS A 187 -24.43 -30.21 -3.84
CA LYS A 187 -23.34 -30.97 -4.42
C LYS A 187 -22.51 -30.14 -5.39
N THR A 188 -21.92 -29.03 -4.90
CA THR A 188 -21.11 -28.14 -5.74
C THR A 188 -19.87 -28.85 -6.23
N ASN A 189 -19.69 -28.92 -7.54
CA ASN A 189 -18.49 -29.53 -8.11
C ASN A 189 -17.26 -28.79 -7.61
N GLY A 190 -16.28 -29.57 -7.17
CA GLY A 190 -15.02 -29.01 -6.69
C GLY A 190 -15.00 -28.82 -5.19
N LYS A 191 -16.16 -29.05 -4.51
CA LYS A 191 -16.29 -28.97 -3.04
C LYS A 191 -15.19 -29.88 -2.45
N PHE A 192 -14.42 -29.41 -1.46
CA PHE A 192 -13.27 -30.22 -1.03
C PHE A 192 -12.86 -30.02 0.42
N LEU A 193 -12.02 -30.92 0.90
CA LEU A 193 -11.36 -30.80 2.18
C LEU A 193 -10.01 -31.50 2.15
N ILE A 194 -9.18 -31.21 3.14
CA ILE A 194 -7.91 -31.90 3.35
C ILE A 194 -7.95 -32.44 4.76
N ARG A 195 -7.59 -33.72 4.90
CA ARG A 195 -7.52 -34.34 6.22
C ARG A 195 -6.12 -34.98 6.36
N ALA A 196 -5.67 -35.22 7.60
CA ALA A 196 -4.38 -35.86 7.86
C ALA A 196 -4.57 -37.38 7.90
N ARG A 197 -3.72 -38.14 7.18
CA ARG A 197 -3.75 -39.62 7.14
C ARG A 197 -2.88 -40.22 8.26
N ASP A 198 -1.93 -39.42 8.79
CA ASP A 198 -1.04 -39.69 9.91
C ASP A 198 -0.50 -38.38 10.50
N ASN A 199 0.56 -38.43 11.32
CA ASN A 199 1.13 -37.22 11.93
C ASN A 199 2.50 -36.87 11.33
N ASN A 200 2.86 -37.51 10.20
CA ASN A 200 4.16 -37.34 9.53
C ASN A 200 4.10 -36.88 8.06
N GLY A 201 3.24 -35.88 7.79
CA GLY A 201 3.11 -35.28 6.46
C GLY A 201 2.30 -36.06 5.44
N SER A 202 1.47 -37.02 5.90
CA SER A 202 0.62 -37.78 4.98
C SER A 202 -0.81 -37.19 5.04
N TYR A 203 -1.35 -36.82 3.88
CA TYR A 203 -2.68 -36.22 3.81
C TYR A 203 -3.53 -36.83 2.72
N ALA A 204 -4.85 -36.56 2.79
CA ALA A 204 -5.77 -36.96 1.74
C ALA A 204 -6.56 -35.72 1.31
N LEU A 205 -6.78 -35.57 -0.01
CA LEU A 205 -7.54 -34.47 -0.58
C LEU A 205 -8.82 -35.09 -1.14
N CYS A 206 -9.97 -34.72 -0.52
CA CYS A 206 -11.27 -35.26 -0.89
C CYS A 206 -12.03 -34.23 -1.68
N LEU A 207 -12.39 -34.58 -2.89
CA LEU A 207 -12.97 -33.67 -3.87
C LEU A 207 -14.27 -34.20 -4.48
N LEU A 208 -15.28 -33.31 -4.55
CA LEU A 208 -16.57 -33.68 -5.11
C LEU A 208 -16.58 -33.48 -6.63
N HIS A 209 -16.97 -34.54 -7.35
CA HIS A 209 -17.03 -34.54 -8.82
C HIS A 209 -18.29 -35.28 -9.30
N GLU A 210 -19.26 -34.52 -9.84
CA GLU A 210 -20.55 -35.02 -10.32
C GLU A 210 -21.21 -35.97 -9.29
N GLY A 211 -21.27 -35.52 -8.03
CA GLY A 211 -21.90 -36.23 -6.93
C GLY A 211 -21.11 -37.34 -6.26
N LYS A 212 -19.87 -37.58 -6.72
CA LYS A 212 -19.02 -38.63 -6.15
C LYS A 212 -17.79 -38.03 -5.46
N VAL A 213 -17.35 -38.66 -4.37
CA VAL A 213 -16.17 -38.19 -3.66
C VAL A 213 -14.90 -38.91 -4.21
N LEU A 214 -13.91 -38.13 -4.67
CA LEU A 214 -12.61 -38.63 -5.13
C LEU A 214 -11.61 -38.43 -3.99
N HIS A 215 -10.88 -39.48 -3.63
CA HIS A 215 -9.92 -39.43 -2.52
C HIS A 215 -8.47 -39.50 -3.06
N TYR A 216 -7.77 -38.34 -3.10
CA TYR A 216 -6.40 -38.24 -3.58
C TYR A 216 -5.43 -38.29 -2.41
N ARG A 217 -4.30 -38.98 -2.55
CA ARG A 217 -3.32 -39.06 -1.47
C ARG A 217 -2.32 -37.91 -1.61
N ILE A 218 -1.98 -37.26 -0.50
CA ILE A 218 -0.95 -36.22 -0.50
C ILE A 218 0.19 -36.79 0.33
N ASP A 219 1.38 -36.88 -0.26
CA ASP A 219 2.52 -37.39 0.47
C ASP A 219 3.68 -36.43 0.52
N LYS A 220 4.40 -36.47 1.65
CA LYS A 220 5.58 -35.67 1.96
C LYS A 220 6.83 -36.49 1.55
N ASP A 221 7.65 -35.94 0.64
CA ASP A 221 8.89 -36.61 0.20
C ASP A 221 10.04 -36.38 1.21
N LYS A 222 11.23 -36.97 0.95
CA LYS A 222 12.42 -36.81 1.81
C LYS A 222 12.89 -35.35 1.91
N THR A 223 12.67 -34.57 0.84
CA THR A 223 13.03 -33.15 0.74
C THR A 223 12.02 -32.20 1.42
N GLY A 224 11.01 -32.78 2.09
CA GLY A 224 9.96 -32.06 2.81
C GLY A 224 8.80 -31.51 1.99
N LYS A 225 8.82 -31.73 0.65
CA LYS A 225 7.78 -31.23 -0.26
C LYS A 225 6.52 -32.11 -0.30
N LEU A 226 5.34 -31.48 -0.54
CA LEU A 226 4.05 -32.19 -0.61
C LEU A 226 3.53 -32.32 -2.01
N SER A 227 2.92 -33.46 -2.35
CA SER A 227 2.35 -33.66 -3.68
C SER A 227 1.37 -34.81 -3.73
N ILE A 228 0.57 -34.83 -4.81
CA ILE A 228 -0.32 -35.93 -5.13
C ILE A 228 0.53 -36.84 -6.05
N PRO A 229 0.20 -38.14 -6.27
CA PRO A 229 1.07 -38.97 -7.13
C PRO A 229 1.39 -38.34 -8.49
N GLU A 230 2.69 -38.20 -8.81
CA GLU A 230 3.22 -37.60 -10.05
C GLU A 230 2.85 -36.11 -10.28
N GLY A 231 2.43 -35.42 -9.21
CA GLY A 231 2.06 -34.00 -9.31
C GLY A 231 3.19 -33.05 -8.95
N LYS A 232 2.97 -31.74 -9.22
CA LYS A 232 3.88 -30.63 -8.88
C LYS A 232 4.19 -30.68 -7.38
N LYS A 233 5.44 -30.34 -6.96
CA LYS A 233 5.81 -30.36 -5.54
C LYS A 233 5.59 -29.00 -4.89
N PHE A 234 5.06 -28.98 -3.67
CA PHE A 234 4.76 -27.75 -2.93
C PHE A 234 5.36 -27.78 -1.54
N ASP A 235 5.78 -26.61 -1.02
CA ASP A 235 6.35 -26.56 0.34
C ASP A 235 5.25 -26.62 1.41
N THR A 236 4.02 -26.16 1.08
CA THR A 236 2.90 -26.11 2.04
C THR A 236 1.55 -26.54 1.43
N LEU A 237 0.60 -26.90 2.30
CA LEU A 237 -0.79 -27.22 1.92
C LEU A 237 -1.44 -25.93 1.36
N TRP A 238 -1.04 -24.74 1.87
CA TRP A 238 -1.52 -23.46 1.35
C TRP A 238 -1.25 -23.38 -0.15
N GLN A 239 0.02 -23.59 -0.58
CA GLN A 239 0.44 -23.50 -1.99
C GLN A 239 -0.24 -24.56 -2.83
N LEU A 240 -0.40 -25.76 -2.28
CA LEU A 240 -1.02 -26.88 -2.97
C LEU A 240 -2.49 -26.49 -3.34
N VAL A 241 -3.25 -25.98 -2.36
CA VAL A 241 -4.67 -25.58 -2.55
C VAL A 241 -4.76 -24.39 -3.53
N GLU A 242 -3.84 -23.40 -3.40
CA GLU A 242 -3.81 -22.27 -4.34
C GLU A 242 -3.65 -22.76 -5.79
N HIS A 243 -2.69 -23.67 -6.03
CA HIS A 243 -2.45 -24.21 -7.38
C HIS A 243 -3.68 -24.94 -7.93
N TYR A 244 -4.14 -25.95 -7.18
CA TYR A 244 -5.27 -26.81 -7.59
C TYR A 244 -6.62 -26.12 -7.73
N SER A 245 -6.76 -24.89 -7.20
CA SER A 245 -7.97 -24.10 -7.35
C SER A 245 -8.04 -23.43 -8.74
N TYR A 246 -6.98 -23.57 -9.59
CA TYR A 246 -7.04 -23.02 -10.96
C TYR A 246 -6.33 -23.89 -12.03
N LYS A 247 -5.53 -24.86 -11.62
CA LYS A 247 -4.87 -25.80 -12.55
C LYS A 247 -5.17 -27.19 -12.01
N ALA A 248 -6.14 -27.90 -12.60
CA ALA A 248 -6.51 -29.24 -12.10
C ALA A 248 -5.35 -30.22 -12.23
N ASP A 249 -4.50 -30.11 -13.28
CA ASP A 249 -3.38 -31.03 -13.51
C ASP A 249 -3.85 -32.50 -13.38
N GLY A 250 -3.34 -33.22 -12.38
CA GLY A 250 -3.72 -34.62 -12.14
C GLY A 250 -5.11 -34.83 -11.53
N LEU A 251 -5.79 -33.76 -11.08
CA LEU A 251 -7.14 -33.89 -10.54
C LEU A 251 -8.12 -33.89 -11.72
N LEU A 252 -9.30 -34.47 -11.50
CA LEU A 252 -10.36 -34.51 -12.50
C LEU A 252 -10.92 -33.13 -12.73
N ARG A 253 -10.82 -32.25 -11.71
CA ARG A 253 -11.31 -30.88 -11.78
C ARG A 253 -10.66 -29.99 -10.73
N VAL A 254 -10.81 -28.64 -10.90
CA VAL A 254 -10.26 -27.71 -9.91
C VAL A 254 -10.99 -27.76 -8.60
N LEU A 255 -10.28 -27.45 -7.50
CA LEU A 255 -10.85 -27.30 -6.18
C LEU A 255 -11.69 -26.02 -6.21
N THR A 256 -12.85 -26.07 -5.54
CA THR A 256 -13.69 -24.87 -5.47
C THR A 256 -13.94 -24.46 -4.01
N VAL A 257 -15.15 -24.77 -3.49
N VAL A 257 -15.15 -24.77 -3.49
CA VAL A 257 -15.59 -24.38 -2.14
CA VAL A 257 -15.56 -24.39 -2.14
C VAL A 257 -15.04 -25.31 -1.05
C VAL A 257 -15.03 -25.31 -1.05
N PRO A 258 -14.46 -24.76 0.05
CA PRO A 258 -14.05 -25.63 1.16
C PRO A 258 -15.29 -26.19 1.89
N CYS A 259 -15.21 -27.45 2.35
N CYS A 259 -15.22 -27.45 2.31
CA CYS A 259 -16.30 -28.05 3.14
CA CYS A 259 -16.29 -28.09 3.05
C CYS A 259 -16.31 -27.39 4.49
C CYS A 259 -16.31 -27.50 4.49
N GLN A 260 -17.51 -27.16 5.02
CA GLN A 260 -17.69 -26.57 6.34
C GLN A 260 -17.24 -27.57 7.41
N LYS A 261 -16.40 -27.12 8.36
CA LYS A 261 -15.90 -27.94 9.48
C LYS A 261 -17.08 -28.26 10.43
N ARG A 338 14.91 -1.71 12.95
CA ARG A 338 15.12 -0.80 11.82
C ARG A 338 14.35 -1.26 10.56
N GLU A 339 13.94 -2.55 10.54
CA GLU A 339 13.23 -3.19 9.42
C GLU A 339 11.80 -3.65 9.81
N ALA A 340 11.32 -3.26 11.01
CA ALA A 340 10.00 -3.66 11.51
C ALA A 340 8.81 -3.20 10.69
N LEU A 341 7.74 -4.03 10.69
CA LEU A 341 6.46 -3.70 10.05
C LEU A 341 5.91 -2.54 10.87
N PRO A 342 5.17 -1.61 10.25
CA PRO A 342 4.70 -0.45 11.03
C PRO A 342 3.95 -0.80 12.30
N MET A 343 3.06 -1.79 12.24
CA MET A 343 2.22 -2.19 13.36
C MET A 343 3.01 -2.77 14.53
N ASP A 344 4.24 -3.22 14.27
CA ASP A 344 5.15 -3.76 15.29
C ASP A 344 5.91 -2.68 16.04
N THR A 345 5.51 -1.40 15.88
CA THR A 345 6.15 -0.28 16.57
C THR A 345 5.16 0.30 17.56
N GLU A 346 5.66 1.06 18.55
CA GLU A 346 4.80 1.68 19.58
C GLU A 346 4.18 2.99 19.08
N VAL A 347 4.53 3.45 17.88
CA VAL A 347 4.00 4.72 17.35
C VAL A 347 2.95 4.51 16.23
N PHE A 348 2.62 3.24 15.91
CA PHE A 348 1.61 2.98 14.89
C PHE A 348 0.26 3.54 15.35
N GLU A 349 -0.15 3.21 16.60
CA GLU A 349 -1.34 3.74 17.26
C GLU A 349 -0.94 4.95 18.10
N SER A 350 -1.91 5.84 18.37
CA SER A 350 -1.74 7.05 19.18
C SER A 350 -1.27 6.67 20.60
N PRO A 351 -0.45 7.49 21.30
CA PRO A 351 -0.07 7.09 22.68
C PRO A 351 -1.28 6.92 23.62
N PHE A 352 -2.44 7.54 23.28
CA PHE A 352 -3.68 7.50 24.04
C PHE A 352 -4.70 6.47 23.56
N ALA A 353 -4.26 5.50 22.73
CA ALA A 353 -5.11 4.42 22.22
C ALA A 353 -5.52 3.49 23.38
N ASP A 354 -4.65 3.38 24.40
CA ASP A 354 -4.87 2.61 25.61
C ASP A 354 -5.89 3.40 26.48
N PRO A 355 -7.13 2.88 26.68
CA PRO A 355 -8.13 3.64 27.45
C PRO A 355 -7.72 4.00 28.89
N GLU A 356 -6.75 3.27 29.48
CA GLU A 356 -6.29 3.60 30.83
C GLU A 356 -5.28 4.77 30.86
N GLU A 357 -4.80 5.23 29.69
CA GLU A 357 -3.91 6.36 29.63
C GLU A 357 -4.72 7.64 29.70
N ILE A 358 -4.14 8.68 30.33
CA ILE A 358 -4.81 9.97 30.52
C ILE A 358 -4.56 10.89 29.34
N ARG A 359 -5.59 11.12 28.53
CA ARG A 359 -5.47 12.05 27.41
C ARG A 359 -5.51 13.51 27.95
N PRO A 360 -4.54 14.40 27.59
CA PRO A 360 -4.61 15.80 28.07
C PRO A 360 -5.92 16.45 27.63
N LYS A 361 -6.57 17.18 28.55
CA LYS A 361 -7.85 17.84 28.29
C LYS A 361 -7.77 19.02 27.28
N GLU A 362 -6.56 19.53 27.01
CA GLU A 362 -6.33 20.65 26.10
C GLU A 362 -4.95 20.49 25.36
N VAL A 363 -4.53 21.52 24.61
CA VAL A 363 -3.27 21.45 23.86
C VAL A 363 -1.99 21.38 24.78
N TYR A 364 -2.08 21.97 25.98
CA TYR A 364 -1.00 22.04 26.96
C TYR A 364 -0.63 20.74 27.62
N LEU A 365 0.69 20.53 27.76
CA LEU A 365 1.24 19.37 28.46
C LEU A 365 1.95 19.89 29.72
N ASP A 366 2.08 19.00 30.72
CA ASP A 366 2.74 19.28 31.99
C ASP A 366 4.25 19.12 31.81
N ARG A 367 4.98 20.25 31.86
CA ARG A 367 6.43 20.35 31.74
C ARG A 367 7.15 19.43 32.76
N LYS A 368 6.54 19.25 33.95
CA LYS A 368 7.05 18.40 35.05
C LYS A 368 7.12 16.93 34.64
N LEU A 369 6.33 16.53 33.61
CA LEU A 369 6.29 15.15 33.12
C LEU A 369 7.25 14.89 31.95
N LEU A 370 7.96 15.94 31.49
CA LEU A 370 8.89 15.93 30.37
C LEU A 370 10.37 16.10 30.77
N THR A 371 11.24 15.21 30.24
CA THR A 371 12.68 15.22 30.43
C THR A 371 13.34 15.23 29.06
N LEU A 372 14.29 16.15 28.85
CA LEU A 372 15.01 16.28 27.58
C LEU A 372 16.43 15.75 27.70
N GLU A 373 16.96 15.24 26.59
CA GLU A 373 18.35 14.80 26.54
C GLU A 373 19.20 16.04 26.18
N ASP A 374 20.45 16.09 26.67
CA ASP A 374 21.37 17.20 26.42
C ASP A 374 21.66 17.49 24.96
N LYS A 375 21.98 16.44 24.19
CA LYS A 375 22.35 16.51 22.77
C LYS A 375 21.12 16.74 21.86
N GLU A 376 21.31 17.49 20.77
CA GLU A 376 20.23 17.75 19.81
C GLU A 376 20.25 16.72 18.68
N LEU A 377 19.07 16.45 18.07
CA LEU A 377 18.92 15.53 16.94
C LEU A 377 19.14 16.29 15.64
N GLY A 378 19.00 17.60 15.72
CA GLY A 378 19.17 18.51 14.60
C GLY A 378 18.43 19.82 14.81
N SER A 379 18.50 20.69 13.81
CA SER A 379 17.88 22.00 13.81
C SER A 379 17.41 22.34 12.40
N GLY A 380 16.54 23.34 12.31
CA GLY A 380 16.00 23.85 11.06
C GLY A 380 15.60 25.30 11.16
N ASN A 381 14.78 25.79 10.20
CA ASN A 381 14.34 27.19 10.18
C ASN A 381 13.42 27.59 11.36
N PHE A 382 12.82 26.61 12.05
CA PHE A 382 11.86 26.88 13.11
C PHE A 382 12.29 26.55 14.54
N GLY A 383 13.39 25.82 14.69
CA GLY A 383 13.87 25.45 16.01
C GLY A 383 14.79 24.25 16.06
N THR A 384 15.06 23.76 17.28
CA THR A 384 15.95 22.61 17.46
C THR A 384 15.20 21.42 18.00
N VAL A 385 15.58 20.23 17.55
CA VAL A 385 14.92 18.99 17.96
C VAL A 385 15.78 18.17 18.88
N LYS A 386 15.19 17.76 20.01
CA LYS A 386 15.85 16.90 20.96
C LYS A 386 14.99 15.68 21.29
N LYS A 387 15.66 14.56 21.64
CA LYS A 387 15.04 13.34 22.11
C LYS A 387 14.61 13.64 23.55
N GLY A 388 13.44 13.16 23.93
CA GLY A 388 12.88 13.37 25.26
C GLY A 388 12.07 12.20 25.74
N TYR A 389 11.55 12.32 26.95
CA TYR A 389 10.78 11.28 27.61
C TYR A 389 9.60 11.90 28.32
N TYR A 390 8.40 11.37 28.05
CA TYR A 390 7.15 11.87 28.60
C TYR A 390 6.53 10.84 29.50
N GLN A 391 6.41 11.20 30.79
CA GLN A 391 5.87 10.33 31.81
C GLN A 391 4.35 10.19 31.68
N MET A 392 3.88 8.96 31.45
CA MET A 392 2.47 8.62 31.37
C MET A 392 2.14 7.56 32.47
N LYS A 393 0.86 7.13 32.59
CA LYS A 393 0.43 6.18 33.61
C LYS A 393 1.12 4.80 33.55
N LYS A 394 0.96 4.07 32.44
CA LYS A 394 1.53 2.72 32.27
C LYS A 394 3.01 2.70 31.90
N VAL A 395 3.51 3.72 31.16
CA VAL A 395 4.92 3.79 30.70
C VAL A 395 5.47 5.21 30.63
N VAL A 396 6.77 5.31 30.28
CA VAL A 396 7.50 6.53 29.96
C VAL A 396 7.59 6.48 28.42
N LYS A 397 7.04 7.49 27.77
CA LYS A 397 7.00 7.54 26.31
C LYS A 397 8.18 8.30 25.77
N THR A 398 8.97 7.67 24.86
CA THR A 398 10.07 8.34 24.17
C THR A 398 9.41 9.30 23.18
N VAL A 399 9.88 10.56 23.17
CA VAL A 399 9.30 11.62 22.33
C VAL A 399 10.38 12.39 21.66
N ALA A 400 10.03 13.15 20.61
CA ALA A 400 10.93 14.09 19.97
C ALA A 400 10.31 15.42 20.32
N VAL A 401 11.13 16.39 20.70
CA VAL A 401 10.63 17.69 21.12
C VAL A 401 11.27 18.76 20.29
N LYS A 402 10.45 19.60 19.64
CA LYS A 402 10.95 20.71 18.87
C LYS A 402 10.82 21.97 19.77
N ILE A 403 11.96 22.58 20.08
CA ILE A 403 12.07 23.79 20.90
C ILE A 403 12.09 24.93 19.92
N LEU A 404 10.98 25.70 19.87
CA LEU A 404 10.88 26.79 18.91
C LEU A 404 11.85 27.91 19.24
N LYS A 405 12.32 28.60 18.19
CA LYS A 405 13.22 29.76 18.24
C LYS A 405 12.58 30.92 19.04
N ASN A 406 13.41 31.89 19.50
CA ASN A 406 13.01 33.07 20.26
C ASN A 406 12.00 33.95 19.54
N GLU A 407 12.04 33.92 18.21
CA GLU A 407 11.12 34.63 17.30
C GLU A 407 9.67 34.21 17.55
N ALA A 408 9.43 32.92 17.95
CA ALA A 408 8.08 32.39 18.23
C ALA A 408 7.49 32.92 19.55
N ASN A 409 8.33 33.58 20.40
CA ASN A 409 7.89 34.13 21.68
C ASN A 409 7.21 35.48 21.51
N ASP A 410 7.34 36.09 20.33
CA ASP A 410 6.71 37.39 20.00
C ASP A 410 5.18 37.33 20.29
N PRO A 411 4.66 38.25 21.16
CA PRO A 411 3.22 38.24 21.49
C PRO A 411 2.30 38.28 20.29
N ALA A 412 2.74 38.91 19.19
CA ALA A 412 1.96 39.02 17.95
C ALA A 412 1.69 37.65 17.31
N LEU A 413 2.54 36.64 17.58
CA LEU A 413 2.40 35.30 16.98
C LEU A 413 1.59 34.31 17.82
N LYS A 414 1.41 34.64 19.12
CA LYS A 414 0.81 33.75 20.10
C LYS A 414 -0.52 33.08 19.73
N ASP A 415 -1.54 33.88 19.42
CA ASP A 415 -2.87 33.34 19.12
C ASP A 415 -2.88 32.37 17.96
N GLU A 416 -2.21 32.72 16.84
CA GLU A 416 -2.17 31.80 15.68
C GLU A 416 -1.37 30.53 15.96
N LEU A 417 -0.27 30.65 16.74
CA LEU A 417 0.56 29.49 17.11
C LEU A 417 -0.29 28.52 17.92
N LEU A 418 -1.01 29.04 18.95
CA LEU A 418 -1.87 28.21 19.79
C LEU A 418 -3.05 27.62 18.99
N ALA A 419 -3.63 28.42 18.08
CA ALA A 419 -4.76 28.00 17.24
C ALA A 419 -4.33 26.85 16.29
N GLU A 420 -3.14 26.99 15.66
CA GLU A 420 -2.59 25.95 14.79
C GLU A 420 -2.18 24.71 15.60
N ALA A 421 -1.60 24.89 16.81
CA ALA A 421 -1.18 23.77 17.69
C ALA A 421 -2.39 22.91 18.08
N ASN A 422 -3.53 23.56 18.37
CA ASN A 422 -4.78 22.85 18.70
C ASN A 422 -5.25 21.96 17.54
N VAL A 423 -5.24 22.51 16.33
CA VAL A 423 -5.62 21.78 15.10
C VAL A 423 -4.60 20.66 14.78
N MET A 424 -3.30 20.89 15.03
CA MET A 424 -2.26 19.85 14.86
C MET A 424 -2.54 18.67 15.80
N GLN A 425 -2.85 18.99 17.09
CA GLN A 425 -3.17 17.99 18.12
C GLN A 425 -4.41 17.13 17.80
N GLN A 426 -5.36 17.63 16.97
CA GLN A 426 -6.54 16.85 16.59
C GLN A 426 -6.20 15.72 15.64
N LEU A 427 -5.14 15.90 14.84
CA LEU A 427 -4.76 14.93 13.81
C LEU A 427 -4.28 13.63 14.39
N ASP A 428 -4.86 12.55 13.89
CA ASP A 428 -4.56 11.22 14.38
C ASP A 428 -4.58 10.22 13.21
N ASN A 429 -3.38 9.83 12.77
CA ASN A 429 -3.21 8.85 11.68
C ASN A 429 -1.83 8.18 11.83
N PRO A 430 -1.68 6.88 11.48
CA PRO A 430 -0.36 6.24 11.69
C PRO A 430 0.79 6.83 10.86
N TYR A 431 0.44 7.47 9.73
CA TYR A 431 1.38 8.01 8.75
C TYR A 431 1.77 9.48 8.89
N ILE A 432 1.56 9.99 10.09
CA ILE A 432 1.95 11.33 10.47
C ILE A 432 2.67 11.21 11.80
N VAL A 433 3.53 12.18 12.09
CA VAL A 433 4.21 12.30 13.38
C VAL A 433 3.15 13.02 14.26
N ARG A 434 2.43 12.27 15.08
CA ARG A 434 1.39 12.85 15.93
C ARG A 434 1.97 13.85 16.90
N MET A 435 1.27 14.99 17.00
CA MET A 435 1.65 16.11 17.85
C MET A 435 0.89 15.90 19.15
N ILE A 436 1.59 15.41 20.18
CA ILE A 436 1.04 15.04 21.49
C ILE A 436 0.50 16.25 22.25
N GLY A 437 1.21 17.36 22.18
CA GLY A 437 0.82 18.58 22.84
C GLY A 437 1.97 19.57 22.87
N ILE A 438 1.74 20.70 23.54
CA ILE A 438 2.70 21.79 23.62
C ILE A 438 3.03 22.17 25.07
N CYS A 439 4.28 22.56 25.32
CA CYS A 439 4.74 23.03 26.63
C CYS A 439 5.11 24.50 26.46
N GLU A 440 4.56 25.38 27.32
CA GLU A 440 4.91 26.81 27.32
C GLU A 440 5.89 26.98 28.48
N ALA A 441 7.18 26.82 28.21
CA ALA A 441 8.22 26.87 29.24
C ALA A 441 9.24 27.93 28.90
N GLU A 442 10.54 27.63 29.12
CA GLU A 442 11.67 28.52 28.78
C GLU A 442 11.52 29.00 27.33
N SER A 443 10.94 28.12 26.48
CA SER A 443 10.61 28.37 25.07
C SER A 443 9.32 27.60 24.76
N TRP A 444 8.72 27.81 23.59
CA TRP A 444 7.56 27.01 23.22
C TRP A 444 8.11 25.65 22.78
N MET A 445 7.54 24.55 23.29
CA MET A 445 8.00 23.20 22.97
C MET A 445 6.88 22.35 22.37
N LEU A 446 7.09 21.81 21.17
CA LEU A 446 6.13 20.90 20.52
C LEU A 446 6.60 19.48 20.79
N VAL A 447 5.81 18.71 21.53
CA VAL A 447 6.08 17.32 21.93
C VAL A 447 5.43 16.42 20.89
N MET A 448 6.25 15.59 20.23
CA MET A 448 5.87 14.74 19.11
C MET A 448 6.23 13.26 19.30
N GLU A 449 5.70 12.41 18.41
CA GLU A 449 6.13 11.01 18.34
C GLU A 449 7.57 11.00 17.82
N MET A 450 8.36 10.01 18.23
CA MET A 450 9.76 9.85 17.84
C MET A 450 9.83 8.98 16.57
N ALA A 451 10.55 9.46 15.55
CA ALA A 451 10.81 8.69 14.31
C ALA A 451 12.34 8.68 14.22
N GLU A 452 12.94 7.70 14.95
CA GLU A 452 14.38 7.65 15.19
C GLU A 452 15.34 7.50 14.03
N LEU A 453 14.88 6.98 12.86
CA LEU A 453 15.76 6.87 11.70
C LEU A 453 15.97 8.19 10.99
N GLY A 454 15.22 9.22 11.39
CA GLY A 454 15.39 10.56 10.84
C GLY A 454 14.80 10.76 9.46
N PRO A 455 15.23 11.83 8.75
CA PRO A 455 14.58 12.18 7.48
C PRO A 455 14.90 11.31 6.30
N LEU A 456 13.88 11.16 5.46
CA LEU A 456 13.88 10.32 4.28
C LEU A 456 15.01 10.63 3.32
N ASN A 457 15.24 11.92 3.01
CA ASN A 457 16.29 12.28 2.03
C ASN A 457 17.68 11.86 2.50
N LYS A 458 18.02 12.15 3.76
CA LYS A 458 19.31 11.78 4.37
C LYS A 458 19.44 10.26 4.53
N TYR A 459 18.34 9.57 4.89
CA TYR A 459 18.38 8.12 5.00
C TYR A 459 18.70 7.45 3.64
N LEU A 460 18.01 7.87 2.57
CA LEU A 460 18.23 7.30 1.23
C LEU A 460 19.65 7.60 0.68
N GLN A 461 20.19 8.80 0.96
CA GLN A 461 21.52 9.18 0.53
C GLN A 461 22.59 8.31 1.21
N GLN A 462 22.33 7.87 2.45
CA GLN A 462 23.21 7.02 3.28
C GLN A 462 22.97 5.52 3.08
N ASN A 463 21.84 5.15 2.44
CA ASN A 463 21.39 3.77 2.25
C ASN A 463 20.91 3.53 0.82
N ARG A 464 21.80 3.69 -0.15
CA ARG A 464 21.45 3.56 -1.59
C ARG A 464 21.11 2.14 -2.04
N HIS A 465 21.23 1.17 -1.13
CA HIS A 465 20.86 -0.23 -1.37
C HIS A 465 19.33 -0.43 -1.21
N VAL A 466 18.59 0.57 -0.64
CA VAL A 466 17.12 0.52 -0.48
C VAL A 466 16.49 0.33 -1.87
N LYS A 467 15.68 -0.70 -2.04
CA LYS A 467 15.09 -1.03 -3.34
C LYS A 467 13.95 -0.11 -3.74
N ASP A 468 13.71 -0.02 -5.07
CA ASP A 468 12.61 0.72 -5.66
C ASP A 468 11.25 0.34 -5.04
N LYS A 469 11.04 -0.97 -4.75
CA LYS A 469 9.77 -1.43 -4.14
C LYS A 469 9.60 -0.91 -2.71
N ASN A 470 10.71 -0.76 -1.99
CA ASN A 470 10.69 -0.20 -0.62
C ASN A 470 10.40 1.31 -0.70
N ILE A 471 10.94 2.02 -1.73
CA ILE A 471 10.67 3.45 -1.89
C ILE A 471 9.17 3.65 -2.21
N ILE A 472 8.61 2.80 -3.09
CA ILE A 472 7.18 2.83 -3.46
C ILE A 472 6.33 2.68 -2.19
N GLU A 473 6.65 1.69 -1.34
CA GLU A 473 5.95 1.46 -0.07
C GLU A 473 5.97 2.73 0.80
N LEU A 474 7.16 3.38 0.91
CA LEU A 474 7.35 4.59 1.73
C LEU A 474 6.56 5.78 1.20
N VAL A 475 6.67 6.07 -0.10
CA VAL A 475 5.93 7.19 -0.71
C VAL A 475 4.41 6.96 -0.69
N HIS A 476 3.97 5.69 -0.75
CA HIS A 476 2.55 5.37 -0.70
C HIS A 476 2.04 5.72 0.70
N GLN A 477 2.84 5.42 1.74
CA GLN A 477 2.45 5.76 3.11
C GLN A 477 2.33 7.27 3.26
N VAL A 478 3.24 8.02 2.61
CA VAL A 478 3.16 9.50 2.61
C VAL A 478 1.85 9.96 1.95
N SER A 479 1.46 9.33 0.82
CA SER A 479 0.22 9.69 0.14
C SER A 479 -1.00 9.38 1.04
N MET A 480 -0.92 8.35 1.92
CA MET A 480 -1.99 7.99 2.87
C MET A 480 -2.11 9.05 3.95
N GLY A 481 -0.97 9.45 4.51
CA GLY A 481 -0.92 10.48 5.54
C GLY A 481 -1.50 11.78 4.99
N MET A 482 -1.12 12.14 3.73
CA MET A 482 -1.62 13.34 3.04
C MET A 482 -3.13 13.27 2.67
N LYS A 483 -3.61 12.08 2.29
CA LYS A 483 -5.04 11.87 2.01
C LYS A 483 -5.80 12.20 3.31
N TYR A 484 -5.29 11.71 4.47
CA TYR A 484 -5.90 11.99 5.77
C TYR A 484 -5.88 13.48 6.10
N LEU A 485 -4.74 14.14 5.86
CA LEU A 485 -4.66 15.59 6.12
C LEU A 485 -5.67 16.35 5.26
N GLU A 486 -5.77 15.98 3.96
CA GLU A 486 -6.70 16.63 3.04
C GLU A 486 -8.15 16.44 3.52
N GLU A 487 -8.49 15.25 3.98
CA GLU A 487 -9.82 14.93 4.49
C GLU A 487 -10.13 15.77 5.71
N SER A 488 -9.09 16.03 6.54
CA SER A 488 -9.18 16.83 7.74
C SER A 488 -9.10 18.33 7.43
N ASN A 489 -9.06 18.72 6.12
CA ASN A 489 -8.93 20.12 5.65
C ASN A 489 -7.69 20.81 6.20
N PHE A 490 -6.59 20.04 6.32
CA PHE A 490 -5.34 20.53 6.84
C PHE A 490 -4.31 20.59 5.73
N VAL A 491 -3.79 21.79 5.46
CA VAL A 491 -2.79 22.08 4.45
C VAL A 491 -1.41 21.98 5.12
N HIS A 492 -0.53 21.16 4.55
CA HIS A 492 0.80 20.99 5.13
C HIS A 492 1.66 22.24 4.95
N ARG A 493 1.80 22.69 3.69
CA ARG A 493 2.60 23.83 3.20
C ARG A 493 4.09 23.56 3.01
N ASP A 494 4.66 22.52 3.64
CA ASP A 494 6.10 22.22 3.52
C ASP A 494 6.38 20.75 3.29
N LEU A 495 5.56 20.13 2.45
CA LEU A 495 5.74 18.71 2.19
C LEU A 495 6.97 18.54 1.31
N ALA A 496 7.95 17.78 1.81
CA ALA A 496 9.24 17.55 1.14
C ALA A 496 9.90 16.38 1.84
N ALA A 497 10.93 15.78 1.21
CA ALA A 497 11.62 14.60 1.83
C ALA A 497 12.24 14.89 3.20
N ARG A 498 12.69 16.13 3.44
CA ARG A 498 13.25 16.51 4.75
C ARG A 498 12.17 16.41 5.84
N ASN A 499 10.88 16.55 5.46
CA ASN A 499 9.75 16.47 6.39
C ASN A 499 9.03 15.12 6.41
N VAL A 500 9.67 14.08 5.85
CA VAL A 500 9.16 12.70 5.96
C VAL A 500 10.20 12.01 6.84
N LEU A 501 9.76 11.52 8.00
CA LEU A 501 10.68 10.89 8.96
C LEU A 501 10.42 9.41 9.06
N LEU A 502 11.48 8.62 9.22
CA LEU A 502 11.38 7.18 9.28
C LEU A 502 11.42 6.64 10.65
N VAL A 503 10.42 5.83 10.96
CA VAL A 503 10.31 5.11 12.23
C VAL A 503 11.17 3.84 12.01
N THR A 504 10.95 3.17 10.86
CA THR A 504 11.71 1.98 10.40
C THR A 504 11.95 2.19 8.93
N GLN A 505 12.73 1.29 8.29
CA GLN A 505 12.95 1.37 6.86
C GLN A 505 11.65 1.15 6.04
N HIS A 506 10.62 0.57 6.66
CA HIS A 506 9.32 0.30 6.03
C HIS A 506 8.18 1.10 6.66
N TYR A 507 8.52 2.18 7.39
CA TYR A 507 7.51 3.00 8.06
C TYR A 507 7.90 4.47 8.06
N ALA A 508 7.22 5.24 7.19
CA ALA A 508 7.37 6.68 7.06
C ALA A 508 6.23 7.45 7.76
N LYS A 509 6.56 8.62 8.32
CA LYS A 509 5.58 9.51 8.97
C LYS A 509 5.83 10.93 8.47
N ILE A 510 4.75 11.67 8.18
CA ILE A 510 4.86 13.08 7.76
C ILE A 510 5.04 13.98 9.01
N SER A 511 6.04 14.85 8.97
CA SER A 511 6.30 15.77 10.07
C SER A 511 6.11 17.20 9.65
N ASP A 512 6.11 18.12 10.66
CA ASP A 512 6.04 19.58 10.52
C ASP A 512 4.83 20.15 9.77
N PHE A 513 3.74 19.39 9.71
CA PHE A 513 2.51 19.85 9.05
C PHE A 513 1.99 21.13 9.72
N GLY A 514 1.72 22.16 8.92
CA GLY A 514 1.18 23.44 9.40
C GLY A 514 2.09 24.34 10.22
N LEU A 515 3.37 23.95 10.41
CA LEU A 515 4.31 24.74 11.20
C LEU A 515 4.63 26.12 10.60
N SER A 516 4.81 26.20 9.27
CA SER A 516 5.08 27.47 8.59
C SER A 516 3.91 28.45 8.73
N LYS A 517 2.66 27.94 8.66
CA LYS A 517 1.46 28.75 8.89
C LYS A 517 1.44 29.20 10.37
N ALA A 518 1.66 28.25 11.34
CA ALA A 518 1.68 28.55 12.78
C ALA A 518 2.69 29.61 13.19
N LEU A 519 3.78 29.72 12.42
CA LEU A 519 4.85 30.68 12.72
C LEU A 519 4.93 31.88 11.81
N ARG A 520 3.90 32.08 10.93
CA ARG A 520 3.79 33.21 9.99
C ARG A 520 5.12 33.35 9.22
N ALA A 521 5.49 32.28 8.50
CA ALA A 521 6.73 32.21 7.72
C ALA A 521 6.70 33.15 6.51
N PRO A 535 12.51 27.16 -0.02
CA PRO A 535 11.46 26.14 -0.16
C PRO A 535 10.63 26.28 -1.44
N VAL A 536 10.97 27.26 -2.31
CA VAL A 536 10.29 27.58 -3.59
C VAL A 536 10.29 26.41 -4.57
N LYS A 537 11.35 25.55 -4.53
CA LYS A 537 11.45 24.39 -5.40
C LYS A 537 10.33 23.37 -5.16
N TRP A 538 9.71 23.42 -3.97
CA TRP A 538 8.61 22.53 -3.59
C TRP A 538 7.23 23.21 -3.78
N TYR A 539 7.19 24.53 -4.04
CA TYR A 539 5.93 25.28 -4.19
C TYR A 539 5.32 25.15 -5.56
N ALA A 540 3.98 25.00 -5.61
CA ALA A 540 3.18 24.95 -6.84
C ALA A 540 3.22 26.38 -7.47
N PRO A 541 3.00 26.54 -8.79
CA PRO A 541 3.10 27.90 -9.39
C PRO A 541 2.16 28.94 -8.79
N GLU A 542 0.97 28.53 -8.31
CA GLU A 542 0.02 29.45 -7.68
C GLU A 542 0.44 29.94 -6.29
N CYS A 543 1.39 29.23 -5.64
CA CYS A 543 1.92 29.59 -4.33
C CYS A 543 2.86 30.75 -4.46
N ILE A 544 3.82 30.65 -5.40
CA ILE A 544 4.83 31.68 -5.65
C ILE A 544 4.18 32.95 -6.21
N ASN A 545 3.16 32.77 -7.07
CA ASN A 545 2.46 33.87 -7.73
C ASN A 545 1.36 34.54 -6.88
N TYR A 546 0.43 33.74 -6.30
CA TYR A 546 -0.75 34.24 -5.57
C TYR A 546 -0.83 33.90 -4.07
N TYR A 547 0.20 33.26 -3.48
CA TYR A 547 0.26 32.85 -2.06
C TYR A 547 -0.94 31.97 -1.64
N LYS A 548 -1.48 31.20 -2.60
CA LYS A 548 -2.62 30.32 -2.40
C LYS A 548 -2.13 28.90 -2.05
N PHE A 549 -2.12 28.58 -0.76
CA PHE A 549 -1.73 27.25 -0.29
C PHE A 549 -3.00 26.45 -0.08
N SER A 550 -3.03 25.24 -0.62
CA SER A 550 -4.19 24.37 -0.49
C SER A 550 -3.72 22.90 -0.48
N SER A 551 -4.66 21.94 -0.39
CA SER A 551 -4.31 20.53 -0.49
C SER A 551 -3.79 20.24 -1.91
N LYS A 552 -4.27 21.00 -2.93
CA LYS A 552 -3.77 20.85 -4.29
C LYS A 552 -2.30 21.30 -4.43
N SER A 553 -1.89 22.39 -3.72
CA SER A 553 -0.50 22.82 -3.79
C SER A 553 0.38 21.81 -2.99
N ASP A 554 -0.22 21.10 -2.00
CA ASP A 554 0.49 20.02 -1.27
C ASP A 554 0.71 18.86 -2.24
N VAL A 555 -0.23 18.65 -3.21
CA VAL A 555 -0.09 17.58 -4.24
C VAL A 555 1.15 17.86 -5.10
N TRP A 556 1.31 19.13 -5.52
CA TRP A 556 2.46 19.56 -6.31
C TRP A 556 3.76 19.20 -5.53
N SER A 557 3.84 19.63 -4.26
CA SER A 557 4.97 19.34 -3.37
C SER A 557 5.26 17.84 -3.29
N PHE A 558 4.17 17.01 -3.22
CA PHE A 558 4.28 15.54 -3.18
C PHE A 558 5.01 14.99 -4.43
N GLY A 559 4.73 15.58 -5.59
CA GLY A 559 5.44 15.21 -6.82
C GLY A 559 6.94 15.45 -6.70
N VAL A 560 7.34 16.59 -6.09
CA VAL A 560 8.78 16.92 -5.89
C VAL A 560 9.38 15.92 -4.88
N LEU A 561 8.62 15.60 -3.82
CA LEU A 561 9.02 14.62 -2.82
C LEU A 561 9.23 13.27 -3.48
N MET A 562 8.32 12.83 -4.38
CA MET A 562 8.48 11.52 -5.04
C MET A 562 9.81 11.55 -5.82
N TRP A 563 10.06 12.68 -6.54
CA TRP A 563 11.31 12.84 -7.30
C TRP A 563 12.53 12.70 -6.38
N GLU A 564 12.51 13.37 -5.19
CA GLU A 564 13.61 13.30 -4.21
C GLU A 564 13.86 11.86 -3.77
N ALA A 565 12.76 11.15 -3.45
CA ALA A 565 12.80 9.75 -2.98
C ALA A 565 13.45 8.81 -4.00
N PHE A 566 12.97 8.85 -5.26
CA PHE A 566 13.51 8.03 -6.35
C PHE A 566 14.94 8.41 -6.77
N SER A 567 15.39 9.65 -6.44
CA SER A 567 16.75 10.16 -6.67
C SER A 567 17.64 9.96 -5.44
N TYR A 568 17.22 9.14 -4.48
CA TYR A 568 17.97 8.85 -3.24
C TYR A 568 18.38 10.09 -2.47
N GLY A 569 17.48 11.05 -2.35
CA GLY A 569 17.75 12.26 -1.57
C GLY A 569 18.58 13.32 -2.26
N GLN A 570 18.68 13.26 -3.58
CA GLN A 570 19.34 14.36 -4.30
C GLN A 570 18.43 15.61 -4.24
N LYS A 571 19.02 16.80 -4.47
CA LYS A 571 18.31 18.07 -4.47
C LYS A 571 17.56 18.30 -5.78
N PRO A 572 16.29 18.78 -5.76
CA PRO A 572 15.60 19.05 -7.03
C PRO A 572 16.13 20.30 -7.75
N TYR A 573 15.97 20.35 -9.09
CA TYR A 573 16.37 21.51 -9.90
C TYR A 573 17.81 21.93 -9.58
N ARG A 574 18.73 20.96 -9.67
CA ARG A 574 20.14 21.11 -9.35
C ARG A 574 20.76 22.43 -9.86
N GLY A 575 21.25 23.23 -8.92
CA GLY A 575 21.91 24.52 -9.16
C GLY A 575 21.08 25.65 -9.74
N MET A 576 19.75 25.46 -9.91
CA MET A 576 18.87 26.48 -10.47
C MET A 576 18.43 27.52 -9.44
N LYS A 577 18.29 28.79 -9.83
CA LYS A 577 17.73 29.82 -8.93
C LYS A 577 16.19 29.66 -9.01
N GLY A 578 15.48 30.18 -8.01
CA GLY A 578 14.01 30.14 -7.96
C GLY A 578 13.34 30.72 -9.19
N SER A 579 13.91 31.81 -9.74
CA SER A 579 13.39 32.49 -10.93
C SER A 579 13.51 31.61 -12.17
N GLU A 580 14.62 30.83 -12.26
CA GLU A 580 14.87 29.90 -13.38
C GLU A 580 13.90 28.71 -13.29
N VAL A 581 13.55 28.30 -12.05
CA VAL A 581 12.60 27.21 -11.80
C VAL A 581 11.20 27.66 -12.28
N THR A 582 10.75 28.85 -11.84
CA THR A 582 9.44 29.42 -12.23
C THR A 582 9.32 29.54 -13.75
N ALA A 583 10.37 30.06 -14.43
CA ALA A 583 10.38 30.22 -15.88
C ALA A 583 10.32 28.88 -16.63
N MET A 584 11.06 27.86 -16.14
CA MET A 584 11.11 26.52 -16.71
C MET A 584 9.72 25.88 -16.62
N LEU A 585 9.07 26.03 -15.46
CA LEU A 585 7.74 25.44 -15.23
C LEU A 585 6.68 26.07 -16.15
N GLU A 586 6.76 27.42 -16.33
CA GLU A 586 5.85 28.16 -17.22
C GLU A 586 5.96 27.64 -18.66
N LYS A 587 7.17 27.21 -19.08
CA LYS A 587 7.45 26.64 -20.42
C LYS A 587 6.83 25.24 -20.59
N GLY A 588 6.38 24.64 -19.48
CA GLY A 588 5.82 23.30 -19.47
C GLY A 588 6.88 22.22 -19.27
N GLU A 589 8.12 22.66 -18.96
CA GLU A 589 9.23 21.74 -18.71
C GLU A 589 9.19 21.28 -17.27
N ARG A 590 9.70 20.07 -17.02
CA ARG A 590 9.69 19.44 -15.70
C ARG A 590 11.01 18.72 -15.46
N MET A 591 11.29 18.33 -14.19
CA MET A 591 12.46 17.52 -13.86
C MET A 591 12.33 16.18 -14.58
N GLY A 592 13.47 15.57 -14.86
CA GLY A 592 13.56 14.30 -15.57
C GLY A 592 13.25 13.11 -14.69
N CYS A 593 13.05 11.95 -15.30
CA CYS A 593 12.77 10.69 -14.61
C CYS A 593 14.06 10.19 -13.91
N PRO A 594 14.11 10.09 -12.56
CA PRO A 594 15.36 9.59 -11.91
C PRO A 594 15.82 8.22 -12.39
N ALA A 595 17.12 7.91 -12.28
CA ALA A 595 17.69 6.61 -12.68
C ALA A 595 16.98 5.51 -11.88
N GLY A 596 16.48 4.50 -12.60
CA GLY A 596 15.77 3.36 -12.00
C GLY A 596 14.37 3.65 -11.51
N CYS A 597 13.84 4.88 -11.71
CA CYS A 597 12.49 5.22 -11.29
C CYS A 597 11.49 4.60 -12.27
N PRO A 598 10.50 3.82 -11.79
CA PRO A 598 9.48 3.27 -12.69
C PRO A 598 8.74 4.33 -13.50
N ARG A 599 8.38 3.98 -14.74
CA ARG A 599 7.65 4.91 -15.59
C ARG A 599 6.28 5.33 -15.03
N GLU A 600 5.56 4.41 -14.33
CA GLU A 600 4.26 4.77 -13.74
C GLU A 600 4.46 5.80 -12.61
N MET A 601 5.61 5.73 -11.91
CA MET A 601 5.93 6.68 -10.82
C MET A 601 6.30 8.05 -11.38
N TYR A 602 7.05 8.08 -12.50
CA TYR A 602 7.35 9.34 -13.17
C TYR A 602 6.07 9.94 -13.77
N ASP A 603 5.11 9.10 -14.31
CA ASP A 603 3.82 9.64 -14.82
C ASP A 603 3.03 10.27 -13.67
N LEU A 604 3.04 9.62 -12.47
CA LEU A 604 2.37 10.18 -11.28
C LEU A 604 3.00 11.52 -10.86
N MET A 605 4.35 11.64 -10.87
CA MET A 605 5.05 12.93 -10.60
C MET A 605 4.52 14.02 -11.54
N ASN A 606 4.50 13.70 -12.86
CA ASN A 606 4.00 14.62 -13.88
C ASN A 606 2.56 15.04 -13.67
N LEU A 607 1.71 14.11 -13.21
CA LEU A 607 0.31 14.39 -12.88
C LEU A 607 0.22 15.35 -11.66
N CYS A 608 1.08 15.15 -10.63
CA CYS A 608 1.16 16.06 -9.48
C CYS A 608 1.61 17.44 -9.96
N TRP A 609 2.46 17.48 -11.00
CA TRP A 609 2.97 18.72 -11.57
C TRP A 609 2.05 19.29 -12.67
N THR A 610 0.74 19.22 -12.44
CA THR A 610 -0.24 19.80 -13.36
C THR A 610 -0.29 21.28 -13.02
N TYR A 611 -0.02 22.13 -14.02
CA TYR A 611 0.01 23.58 -13.81
C TYR A 611 -1.33 24.10 -13.28
N ASP A 612 -2.41 23.78 -14.00
CA ASP A 612 -3.77 24.18 -13.64
C ASP A 612 -4.25 23.46 -12.38
N VAL A 613 -4.55 24.22 -11.32
CA VAL A 613 -5.03 23.74 -10.01
C VAL A 613 -6.28 22.87 -10.12
N GLU A 614 -7.26 23.29 -10.95
CA GLU A 614 -8.53 22.59 -11.13
C GLU A 614 -8.34 21.18 -11.66
N ASN A 615 -7.45 21.00 -12.65
CA ASN A 615 -7.14 19.74 -13.31
C ASN A 615 -6.14 18.86 -12.54
N ARG A 616 -5.38 19.44 -11.59
CA ARG A 616 -4.41 18.69 -10.77
C ARG A 616 -5.22 17.75 -9.84
N PRO A 617 -4.80 16.47 -9.68
CA PRO A 617 -5.57 15.56 -8.79
C PRO A 617 -5.43 15.95 -7.31
N GLY A 618 -6.37 15.47 -6.50
CA GLY A 618 -6.36 15.58 -5.05
C GLY A 618 -5.68 14.34 -4.48
N PHE A 619 -5.43 14.31 -3.17
CA PHE A 619 -4.77 13.16 -2.53
C PHE A 619 -5.52 11.84 -2.58
N ALA A 620 -6.86 11.88 -2.64
CA ALA A 620 -7.61 10.62 -2.78
C ALA A 620 -7.23 9.93 -4.11
N ALA A 621 -7.23 10.69 -5.22
CA ALA A 621 -6.84 10.14 -6.53
C ALA A 621 -5.37 9.71 -6.54
N VAL A 622 -4.46 10.54 -5.96
CA VAL A 622 -3.02 10.24 -5.92
C VAL A 622 -2.76 8.93 -5.14
N GLU A 623 -3.32 8.82 -3.93
CA GLU A 623 -3.12 7.63 -3.09
C GLU A 623 -3.62 6.36 -3.81
N LEU A 624 -4.79 6.43 -4.46
CA LEU A 624 -5.37 5.28 -5.12
C LEU A 624 -4.52 4.88 -6.32
N ARG A 625 -4.02 5.86 -7.10
CA ARG A 625 -3.16 5.54 -8.24
C ARG A 625 -1.86 4.89 -7.75
N LEU A 626 -1.28 5.44 -6.67
CA LEU A 626 -0.07 4.89 -6.10
C LEU A 626 -0.34 3.48 -5.54
N ARG A 627 -1.44 3.33 -4.79
CA ARG A 627 -1.84 2.04 -4.19
C ARG A 627 -1.97 0.97 -5.27
N ASN A 628 -2.65 1.28 -6.39
CA ASN A 628 -2.83 0.32 -7.47
C ASN A 628 -1.53 -0.17 -8.06
N TYR A 629 -0.56 0.74 -8.26
CA TYR A 629 0.73 0.39 -8.81
C TYR A 629 1.50 -0.44 -7.81
N TYR A 630 1.54 0.02 -6.56
CA TYR A 630 2.25 -0.63 -5.46
C TYR A 630 1.78 -2.09 -5.31
N TYR A 631 0.45 -2.30 -5.27
CA TYR A 631 -0.13 -3.65 -5.13
C TYR A 631 0.17 -4.54 -6.35
N ASP A 632 0.26 -3.94 -7.54
CA ASP A 632 0.58 -4.72 -8.73
C ASP A 632 2.06 -5.12 -8.81
N VAL A 633 2.99 -4.28 -8.31
CA VAL A 633 4.43 -4.61 -8.42
C VAL A 633 5.04 -5.35 -7.25
N VAL A 634 4.49 -5.13 -6.04
CA VAL A 634 5.06 -5.73 -4.84
C VAL A 634 4.29 -6.99 -4.50
N ASN A 635 5.01 -8.10 -4.52
CA ASN A 635 4.52 -9.43 -4.15
C ASN A 635 5.47 -10.00 -3.09
PG ANP B . 13.21 23.09 8.10
O1G ANP B . 12.16 23.10 6.96
O2G ANP B . 12.57 23.01 9.51
O3G ANP B . 13.98 24.46 8.00
PB ANP B . 14.31 20.45 8.68
O1B ANP B . 12.94 19.79 8.42
O2B ANP B . 15.48 19.57 8.18
N3B ANP B . 14.39 21.90 7.82
PA ANP B . 13.72 20.28 11.62
O1A ANP B . 13.99 21.30 12.74
O2A ANP B . 12.23 20.07 11.33
O3A ANP B . 14.48 20.73 10.26
O5' ANP B . 14.37 18.89 12.09
C5' ANP B . 15.79 18.69 12.01
C4' ANP B . 16.10 17.25 12.36
O4' ANP B . 15.46 16.91 13.61
C3' ANP B . 15.50 16.28 11.31
O3' ANP B . 16.39 16.14 10.20
C2' ANP B . 15.40 14.98 12.12
O2' ANP B . 16.68 14.31 12.23
C1' ANP B . 15.00 15.56 13.50
N9 ANP B . 13.58 15.43 13.80
C8 ANP B . 12.57 16.35 13.61
N7 ANP B . 11.46 15.86 14.08
C5 ANP B . 11.69 14.61 14.56
C6 ANP B . 10.90 13.60 15.14
N6 ANP B . 9.55 13.75 15.37
N1 ANP B . 11.51 12.45 15.50
C2 ANP B . 12.81 12.24 15.31
N3 ANP B . 13.58 13.15 14.77
C4 ANP B . 13.05 14.33 14.39
MG MG C . 11.33 19.51 9.48
#